data_8CRP
#
_entry.id   8CRP
#
_cell.length_a   192.499
_cell.length_b   57.701
_cell.length_c   57.701
_cell.angle_alpha   90.000
_cell.angle_beta   107.442
_cell.angle_gamma   90.000
#
_symmetry.space_group_name_H-M   'C 1 2 1'
#
loop_
_entity.id
_entity.type
_entity.pdbx_description
1 polymer Streptavidin
2 non-polymer 'Co-linked Tetra-amido macrocyclic ligand'
3 non-polymer 'SULFATE ION'
4 water water
#
_entity_poly.entity_id   1
_entity_poly.type   'polypeptide(L)'
_entity_poly.pdbx_seq_one_letter_code
;ASMTGGQQMGRDQAGITGTWYNQLGSTFIVTAGADGALTGTYESAVGNAESRYVLTGRYDSAPATDGSGTALGWTVAWKN
NYRNAHSATTWSGQYVGGAEARINTQWLLTSGTTEANAWKSTLVGHDTFTKVKPSAASIDAAKKAGVNNGNPLDAVQQ
;
_entity_poly.pdbx_strand_id   A,B,C,D
#
loop_
_chem_comp.id
_chem_comp.type
_chem_comp.name
_chem_comp.formula
SO4 non-polymer 'SULFATE ION' 'O4 S -2'
VJL non-polymer 'Co-linked Tetra-amido macrocyclic ligand' 'C29 H37 Co N7 O6 S'
#
# COMPACT_ATOMS: atom_id res chain seq x y z
N ARG A 11 -5.01 -15.30 23.49
CA ARG A 11 -3.62 -15.71 23.81
C ARG A 11 -3.16 -16.74 22.78
N ASP A 12 -2.62 -16.22 21.68
CA ASP A 12 -2.01 -17.03 20.67
C ASP A 12 -0.51 -16.99 20.86
N GLN A 13 -0.09 -16.73 22.11
CA GLN A 13 1.31 -16.57 22.46
C GLN A 13 2.11 -17.81 22.04
N ALA A 14 1.59 -18.98 22.43
CA ALA A 14 2.17 -20.24 22.04
C ALA A 14 2.05 -20.44 20.53
N GLY A 15 0.85 -20.15 19.99
CA GLY A 15 0.58 -20.17 18.56
C GLY A 15 1.60 -19.39 17.74
N ILE A 16 1.98 -18.19 18.20
CA ILE A 16 2.79 -17.31 17.38
C ILE A 16 4.25 -17.66 17.51
N THR A 17 4.67 -18.02 18.71
CA THR A 17 6.07 -18.22 19.02
C THR A 17 6.57 -19.40 18.20
N GLY A 18 7.75 -19.25 17.59
CA GLY A 18 8.39 -20.33 16.85
C GLY A 18 8.99 -19.86 15.53
N THR A 19 9.15 -20.80 14.60
CA THR A 19 9.78 -20.55 13.30
C THR A 19 8.73 -20.57 12.20
N TRP A 20 8.84 -19.59 11.30
CA TRP A 20 7.91 -19.44 10.19
C TRP A 20 8.68 -19.22 8.91
N TYR A 21 8.07 -19.63 7.79
CA TYR A 21 8.66 -19.52 6.47
C TYR A 21 7.62 -18.85 5.56
N ASN A 22 8.08 -18.02 4.64
CA ASN A 22 7.15 -17.40 3.72
C ASN A 22 7.33 -18.05 2.35
N GLN A 23 6.59 -17.56 1.36
CA GLN A 23 6.56 -18.15 0.04
C GLN A 23 7.87 -17.93 -0.71
N LEU A 24 8.74 -17.07 -0.21
CA LEU A 24 10.02 -16.80 -0.86
C LEU A 24 11.15 -17.65 -0.27
N GLY A 25 10.83 -18.43 0.76
CA GLY A 25 11.83 -19.20 1.47
C GLY A 25 12.54 -18.39 2.55
N SER A 26 12.02 -17.21 2.93
CA SER A 26 12.57 -16.47 4.05
C SER A 26 12.15 -17.12 5.38
N THR A 27 12.92 -16.84 6.44
CA THR A 27 12.78 -17.48 7.74
C THR A 27 12.57 -16.42 8.82
N PHE A 28 11.51 -16.60 9.59
CA PHE A 28 11.08 -15.64 10.59
C PHE A 28 11.03 -16.38 11.92
N ILE A 29 11.90 -16.00 12.86
CA ILE A 29 11.93 -16.63 14.16
C ILE A 29 11.51 -15.59 15.19
N VAL A 30 10.48 -15.94 15.96
CA VAL A 30 9.87 -14.94 16.80
C VAL A 30 9.48 -15.55 18.15
N THR A 31 9.59 -14.72 19.20
CA THR A 31 8.98 -15.02 20.49
C THR A 31 7.92 -13.98 20.82
N ALA A 32 6.75 -14.46 21.24
CA ALA A 32 5.66 -13.59 21.67
C ALA A 32 5.65 -13.52 23.19
N GLY A 33 5.78 -12.31 23.75
CA GLY A 33 5.69 -12.07 25.17
C GLY A 33 4.24 -11.95 25.64
N ALA A 34 4.01 -12.14 26.94
CA ALA A 34 2.66 -12.17 27.50
C ALA A 34 2.03 -10.77 27.42
N ASP A 35 2.88 -9.76 27.32
CA ASP A 35 2.49 -8.35 27.32
C ASP A 35 2.25 -7.82 25.91
N GLY A 36 2.36 -8.67 24.88
CA GLY A 36 2.14 -8.26 23.51
C GLY A 36 3.41 -7.96 22.70
N ALA A 37 4.60 -8.23 23.27
CA ALA A 37 5.86 -7.98 22.56
C ALA A 37 6.16 -9.07 21.53
N LEU A 38 6.79 -8.68 20.42
CA LEU A 38 7.38 -9.64 19.50
C LEU A 38 8.84 -9.30 19.39
N THR A 39 9.70 -10.32 19.49
CA THR A 39 11.15 -10.18 19.37
C THR A 39 11.66 -11.39 18.60
N GLY A 40 12.75 -11.21 17.84
CA GLY A 40 13.37 -12.35 17.19
C GLY A 40 14.31 -11.92 16.07
N THR A 41 14.41 -12.76 15.04
CA THR A 41 15.31 -12.49 13.93
C THR A 41 14.64 -12.91 12.62
N TYR A 42 15.12 -12.33 11.53
CA TYR A 42 14.56 -12.56 10.21
C TYR A 42 15.71 -12.83 9.26
N GLU A 43 15.48 -13.72 8.31
CA GLU A 43 16.47 -14.05 7.30
C GLU A 43 15.76 -14.03 5.96
N SER A 44 16.17 -13.10 5.08
CA SER A 44 15.56 -12.96 3.78
C SER A 44 16.24 -13.82 2.73
N ALA A 45 15.42 -14.59 2.03
CA ALA A 45 15.89 -15.39 0.92
C ALA A 45 16.18 -14.52 -0.32
N VAL A 46 15.73 -13.26 -0.33
CA VAL A 46 15.97 -12.40 -1.48
C VAL A 46 16.49 -11.03 -1.04
N GLY A 47 16.89 -10.25 -2.05
CA GLY A 47 17.34 -8.89 -1.81
C GLY A 47 18.78 -8.78 -1.31
N ASN A 48 19.15 -7.58 -0.88
CA ASN A 48 20.54 -7.28 -0.56
C ASN A 48 20.77 -7.63 0.92
N ALA A 49 20.71 -8.95 1.22
CA ALA A 49 20.57 -9.40 2.60
C ALA A 49 21.36 -10.68 2.85
N GLU A 50 21.92 -10.83 4.04
CA GLU A 50 22.56 -12.08 4.42
C GLU A 50 22.49 -12.27 5.93
N SER A 51 22.28 -13.54 6.29
CA SER A 51 22.27 -14.00 7.66
C SER A 51 21.06 -13.38 8.38
N ARG A 52 21.14 -13.23 9.71
CA ARG A 52 19.98 -12.86 10.51
C ARG A 52 19.98 -11.35 10.78
N TYR A 53 18.77 -10.78 10.84
CA TYR A 53 18.63 -9.39 11.24
C TYR A 53 17.64 -9.35 12.40
N VAL A 54 17.81 -8.39 13.30
CA VAL A 54 16.96 -8.26 14.45
C VAL A 54 15.57 -7.76 14.03
N LEU A 55 14.54 -8.25 14.71
CA LEU A 55 13.21 -7.71 14.52
C LEU A 55 12.52 -7.53 15.86
N THR A 56 11.63 -6.54 15.87
CA THR A 56 10.80 -6.26 17.02
C THR A 56 9.41 -5.93 16.51
N GLY A 57 8.40 -6.17 17.36
CA GLY A 57 7.06 -5.79 16.96
C GLY A 57 6.08 -6.01 18.11
N ARG A 58 4.79 -6.04 17.79
CA ARG A 58 3.69 -6.06 18.76
C ARG A 58 2.57 -6.93 18.19
N TYR A 59 1.80 -7.57 19.07
CA TYR A 59 0.64 -8.31 18.63
C TYR A 59 -0.46 -8.09 19.67
N ASP A 60 -1.72 -8.28 19.29
CA ASP A 60 -2.85 -8.16 20.21
C ASP A 60 -2.89 -9.40 21.10
N SER A 61 -2.49 -9.23 22.35
CA SER A 61 -2.44 -10.35 23.27
C SER A 61 -3.82 -10.70 23.84
N ALA A 62 -4.88 -9.94 23.55
CA ALA A 62 -6.22 -10.35 23.96
C ALA A 62 -7.15 -10.24 22.76
N PRO A 63 -7.06 -11.19 21.80
CA PRO A 63 -7.86 -11.08 20.58
C PRO A 63 -9.34 -11.37 20.87
N ALA A 64 -10.21 -10.98 19.93
CA ALA A 64 -11.62 -11.34 19.97
C ALA A 64 -11.75 -12.86 19.90
N THR A 65 -12.87 -13.38 20.38
CA THR A 65 -13.01 -14.82 20.57
C THR A 65 -14.05 -15.36 19.59
N ASP A 66 -14.29 -14.62 18.50
CA ASP A 66 -15.40 -14.82 17.59
C ASP A 66 -14.92 -15.50 16.31
N GLY A 67 -13.69 -16.02 16.34
CA GLY A 67 -13.08 -16.62 15.16
C GLY A 67 -12.26 -15.62 14.32
N SER A 68 -12.09 -14.40 14.80
CA SER A 68 -11.25 -13.43 14.11
C SER A 68 -9.78 -13.82 14.28
N GLY A 69 -8.92 -13.39 13.34
CA GLY A 69 -7.48 -13.52 13.50
C GLY A 69 -6.95 -12.55 14.57
N THR A 70 -5.64 -12.64 14.82
CA THR A 70 -4.94 -11.83 15.82
C THR A 70 -4.03 -10.83 15.13
N ALA A 71 -4.30 -9.53 15.33
CA ALA A 71 -3.55 -8.50 14.64
C ALA A 71 -2.13 -8.43 15.19
N LEU A 72 -1.19 -8.07 14.31
CA LEU A 72 0.19 -8.03 14.71
C LEU A 72 1.01 -7.34 13.63
N GLY A 73 2.19 -6.86 14.02
CA GLY A 73 3.15 -6.39 13.04
C GLY A 73 4.55 -6.38 13.60
N TRP A 74 5.53 -6.19 12.71
CA TRP A 74 6.91 -6.10 13.16
C TRP A 74 7.75 -5.39 12.12
N THR A 75 8.96 -4.97 12.55
CA THR A 75 9.87 -4.21 11.74
C THR A 75 11.22 -4.94 11.67
N VAL A 76 11.87 -4.87 10.51
CA VAL A 76 13.28 -5.20 10.36
C VAL A 76 13.98 -4.04 9.70
N ALA A 77 15.10 -3.58 10.30
CA ALA A 77 16.04 -2.68 9.68
C ALA A 77 17.19 -3.49 9.07
N TRP A 78 17.48 -3.30 7.78
CA TRP A 78 18.31 -4.25 7.04
C TRP A 78 19.79 -3.94 7.24
N LYS A 79 20.16 -3.83 8.52
CA LYS A 79 21.53 -3.66 8.95
C LYS A 79 21.85 -4.69 10.02
N ASN A 80 23.00 -5.33 9.83
CA ASN A 80 23.52 -6.33 10.76
C ASN A 80 25.04 -6.26 10.60
N ASN A 81 25.77 -7.27 11.04
CA ASN A 81 27.24 -7.17 11.00
C ASN A 81 27.82 -7.41 9.61
N TYR A 82 27.01 -7.87 8.64
CA TYR A 82 27.48 -8.24 7.33
C TYR A 82 27.13 -7.18 6.27
N ARG A 83 25.93 -6.60 6.35
CA ARG A 83 25.41 -5.77 5.27
C ARG A 83 24.53 -4.66 5.85
N ASN A 84 24.44 -3.59 5.08
CA ASN A 84 23.53 -2.52 5.38
C ASN A 84 22.87 -2.13 4.07
N ALA A 85 21.57 -2.41 3.96
CA ALA A 85 20.82 -2.05 2.75
C ALA A 85 20.22 -0.66 2.86
N HIS A 86 20.43 0.03 4.00
CA HIS A 86 19.89 1.37 4.22
C HIS A 86 18.38 1.36 3.97
N SER A 87 17.71 0.43 4.64
CA SER A 87 16.28 0.29 4.45
C SER A 87 15.64 -0.46 5.60
N ALA A 88 14.31 -0.43 5.63
CA ALA A 88 13.54 -1.11 6.66
C ALA A 88 12.20 -1.59 6.09
N THR A 89 11.82 -2.80 6.50
CA THR A 89 10.52 -3.34 6.16
C THR A 89 9.68 -3.46 7.42
N THR A 90 8.41 -3.07 7.33
CA THR A 90 7.38 -3.43 8.30
C THR A 90 6.38 -4.38 7.66
N TRP A 91 6.02 -5.42 8.42
CA TRP A 91 4.94 -6.33 8.07
C TRP A 91 3.77 -6.03 9.00
N SER A 92 2.59 -5.85 8.43
CA SER A 92 1.33 -5.69 9.15
C SER A 92 0.39 -6.81 8.75
N GLY A 93 -0.18 -7.55 9.70
CA GLY A 93 -1.12 -8.58 9.29
C GLY A 93 -1.83 -9.26 10.44
N GLN A 94 -2.24 -10.52 10.22
CA GLN A 94 -2.95 -11.25 11.26
C GLN A 94 -2.53 -12.71 11.24
N TYR A 95 -2.48 -13.25 12.46
CA TYR A 95 -2.21 -14.65 12.73
C TYR A 95 -3.53 -15.38 12.72
N VAL A 96 -3.61 -16.48 11.94
CA VAL A 96 -4.79 -17.31 11.93
C VAL A 96 -4.37 -18.70 12.44
N GLY A 97 -5.00 -19.14 13.54
CA GLY A 97 -4.73 -20.44 14.14
C GLY A 97 -5.43 -21.59 13.37
N GLY A 98 -5.30 -22.82 13.89
CA GLY A 98 -5.90 -23.98 13.26
C GLY A 98 -4.84 -24.87 12.63
N ALA A 99 -5.30 -26.01 12.08
CA ALA A 99 -4.42 -27.11 11.70
C ALA A 99 -3.33 -26.64 10.73
N GLU A 100 -3.67 -25.63 9.91
CA GLU A 100 -2.67 -25.00 9.07
C GLU A 100 -2.62 -23.52 9.44
N ALA A 101 -1.95 -23.23 10.57
CA ALA A 101 -1.77 -21.87 11.06
C ALA A 101 -1.00 -21.01 10.04
N ARG A 102 -1.44 -19.75 9.90
CA ARG A 102 -0.87 -18.83 8.92
C ARG A 102 -0.67 -17.48 9.58
N ILE A 103 0.38 -16.79 9.16
CA ILE A 103 0.40 -15.34 9.33
C ILE A 103 0.32 -14.70 7.96
N ASN A 104 -0.76 -13.94 7.73
CA ASN A 104 -0.97 -13.31 6.44
C ASN A 104 -0.61 -11.84 6.57
N THR A 105 0.33 -11.37 5.73
CA THR A 105 0.85 -10.02 5.87
C THR A 105 0.77 -9.23 4.57
N GLN A 106 0.81 -7.90 4.75
CA GLN A 106 1.23 -6.94 3.75
C GLN A 106 2.45 -6.23 4.31
N TRP A 107 3.38 -5.78 3.46
CA TRP A 107 4.55 -5.09 3.97
C TRP A 107 4.87 -3.84 3.16
N LEU A 108 5.55 -2.90 3.81
CA LEU A 108 6.16 -1.73 3.22
C LEU A 108 7.66 -1.75 3.47
N LEU A 109 8.44 -1.60 2.39
CA LEU A 109 9.89 -1.53 2.49
C LEU A 109 10.34 -0.15 2.04
N THR A 110 10.80 0.68 3.00
CA THR A 110 11.26 2.02 2.69
C THR A 110 12.79 2.08 2.70
N SER A 111 13.37 2.63 1.62
CA SER A 111 14.79 2.90 1.52
C SER A 111 15.05 4.34 1.95
N GLY A 112 16.17 4.58 2.62
CA GLY A 112 16.68 5.94 2.74
C GLY A 112 17.04 6.49 1.36
N THR A 113 16.55 7.69 1.04
CA THR A 113 16.80 8.27 -0.27
C THR A 113 17.07 9.76 -0.11
N THR A 114 17.49 10.39 -1.21
CA THR A 114 17.46 11.84 -1.30
C THR A 114 16.01 12.29 -1.45
N GLU A 115 15.80 13.59 -1.25
CA GLU A 115 14.49 14.22 -1.33
C GLU A 115 13.95 14.05 -2.75
N ALA A 116 14.85 14.13 -3.73
CA ALA A 116 14.49 14.06 -5.13
C ALA A 116 14.02 12.66 -5.51
N ASN A 117 14.48 11.61 -4.80
CA ASN A 117 14.05 10.24 -5.07
C ASN A 117 13.04 9.72 -4.03
N ALA A 118 12.60 10.55 -3.10
CA ALA A 118 11.63 10.11 -2.09
C ALA A 118 10.37 9.49 -2.71
N TRP A 119 9.94 9.98 -3.87
CA TRP A 119 8.71 9.47 -4.48
C TRP A 119 8.81 7.97 -4.76
N LYS A 120 10.02 7.45 -5.01
CA LYS A 120 10.17 6.02 -5.21
C LYS A 120 10.90 5.33 -4.07
N SER A 121 10.70 5.80 -2.84
CA SER A 121 11.39 5.22 -1.70
C SER A 121 10.76 3.90 -1.23
N THR A 122 9.51 3.61 -1.59
CA THR A 122 8.81 2.58 -0.82
C THR A 122 8.24 1.46 -1.71
N LEU A 123 8.60 0.20 -1.37
CA LEU A 123 8.01 -0.96 -2.01
C LEU A 123 6.85 -1.48 -1.15
N VAL A 124 5.87 -2.08 -1.82
CA VAL A 124 4.78 -2.75 -1.15
C VAL A 124 4.65 -4.17 -1.69
N GLY A 125 4.38 -5.12 -0.78
CA GLY A 125 4.06 -6.48 -1.14
C GLY A 125 3.22 -7.20 -0.08
N HIS A 126 3.11 -8.52 -0.25
CA HIS A 126 2.36 -9.38 0.64
C HIS A 126 3.19 -10.66 0.86
N ASP A 127 3.34 -11.11 2.11
CA ASP A 127 3.96 -12.38 2.40
C ASP A 127 3.01 -13.22 3.25
N THR A 128 2.96 -14.52 2.97
CA THR A 128 2.24 -15.47 3.79
C THR A 128 3.22 -16.46 4.40
N PHE A 129 3.12 -16.59 5.72
CA PHE A 129 4.00 -17.43 6.51
C PHE A 129 3.22 -18.62 7.01
N THR A 130 3.90 -19.77 6.96
CA THR A 130 3.38 -21.01 7.50
C THR A 130 4.46 -21.64 8.36
N LYS A 131 4.04 -22.65 9.15
CA LYS A 131 4.95 -23.34 10.05
C LYS A 131 5.82 -24.38 9.33
N VAL A 132 5.54 -24.75 8.08
CA VAL A 132 6.40 -25.66 7.35
C VAL A 132 6.88 -25.01 6.04
N LYS A 133 8.03 -25.45 5.51
CA LYS A 133 8.72 -24.78 4.42
C LYS A 133 8.52 -23.41 4.30
N ARG B 11 2.45 -8.87 -27.53
CA ARG B 11 1.74 -10.09 -28.01
C ARG B 11 0.62 -10.47 -27.05
N ASP B 12 0.54 -9.76 -25.92
CA ASP B 12 -0.26 -10.25 -24.81
C ASP B 12 -1.70 -9.82 -25.00
N GLN B 13 -1.96 -9.04 -26.06
CA GLN B 13 -3.31 -8.58 -26.36
C GLN B 13 -4.29 -9.75 -26.26
N ALA B 14 -3.98 -10.83 -27.00
CA ALA B 14 -4.78 -12.04 -26.98
C ALA B 14 -4.73 -12.69 -25.60
N GLY B 15 -3.51 -12.87 -25.06
CA GLY B 15 -3.31 -13.41 -23.73
C GLY B 15 -4.21 -12.76 -22.67
N ILE B 16 -4.36 -11.43 -22.74
CA ILE B 16 -5.07 -10.69 -21.70
C ILE B 16 -6.57 -10.72 -21.92
N THR B 17 -6.97 -10.54 -23.17
CA THR B 17 -8.37 -10.45 -23.52
C THR B 17 -9.05 -11.71 -23.04
N GLY B 18 -10.20 -11.56 -22.35
CA GLY B 18 -11.03 -12.69 -21.96
C GLY B 18 -11.55 -12.56 -20.54
N THR B 19 -11.86 -13.72 -19.94
CA THR B 19 -12.50 -13.82 -18.65
C THR B 19 -11.49 -14.33 -17.62
N TRP B 20 -11.50 -13.67 -16.44
CA TRP B 20 -10.54 -13.96 -15.39
C TRP B 20 -11.28 -14.08 -14.06
N TYR B 21 -10.76 -14.89 -13.15
CA TYR B 21 -11.39 -15.05 -11.84
C TYR B 21 -10.31 -14.90 -10.78
N ASN B 22 -10.68 -14.32 -9.64
CA ASN B 22 -9.68 -14.17 -8.59
C ASN B 22 -10.01 -15.17 -7.49
N GLN B 23 -9.21 -15.15 -6.43
CA GLN B 23 -9.31 -16.09 -5.33
C GLN B 23 -10.59 -15.87 -4.51
N LEU B 24 -11.30 -14.76 -4.72
CA LEU B 24 -12.54 -14.50 -4.00
C LEU B 24 -13.76 -14.97 -4.81
N GLY B 25 -13.50 -15.50 -5.99
CA GLY B 25 -14.56 -15.84 -6.92
C GLY B 25 -15.10 -14.61 -7.65
N SER B 26 -14.36 -13.49 -7.68
CA SER B 26 -14.82 -12.36 -8.48
C SER B 26 -14.50 -12.64 -9.96
N THR B 27 -15.23 -11.96 -10.86
CA THR B 27 -15.13 -12.19 -12.30
C THR B 27 -14.75 -10.91 -13.02
N PHE B 28 -13.69 -11.01 -13.84
CA PHE B 28 -13.14 -9.85 -14.52
C PHE B 28 -13.18 -10.18 -15.99
N ILE B 29 -13.88 -9.36 -16.79
CA ILE B 29 -14.03 -9.56 -18.21
C ILE B 29 -13.44 -8.34 -18.91
N VAL B 30 -12.46 -8.59 -19.78
CA VAL B 30 -11.65 -7.51 -20.31
C VAL B 30 -11.32 -7.74 -21.77
N THR B 31 -11.28 -6.63 -22.53
CA THR B 31 -10.69 -6.61 -23.86
C THR B 31 -9.46 -5.70 -23.87
N ALA B 32 -8.35 -6.23 -24.37
CA ALA B 32 -7.14 -5.45 -24.53
C ALA B 32 -7.07 -4.94 -25.97
N GLY B 33 -7.07 -3.60 -26.14
CA GLY B 33 -6.90 -2.98 -27.45
C GLY B 33 -5.44 -2.94 -27.90
N ALA B 34 -5.19 -2.76 -29.20
CA ALA B 34 -3.84 -2.82 -29.75
C ALA B 34 -3.03 -1.60 -29.31
N ASP B 35 -3.73 -0.55 -28.88
CA ASP B 35 -3.14 0.71 -28.46
C ASP B 35 -2.82 0.73 -26.95
N GLY B 36 -3.08 -0.38 -26.25
CA GLY B 36 -2.83 -0.47 -24.83
C GLY B 36 -4.06 -0.18 -23.96
N ALA B 37 -5.25 -0.08 -24.54
CA ALA B 37 -6.48 0.17 -23.78
C ALA B 37 -6.98 -1.10 -23.11
N LEU B 38 -7.60 -0.95 -21.93
CA LEU B 38 -8.32 -2.06 -21.31
C LEU B 38 -9.74 -1.59 -21.04
N THR B 39 -10.71 -2.43 -21.37
CA THR B 39 -12.13 -2.12 -21.27
C THR B 39 -12.86 -3.40 -20.87
N GLY B 40 -13.92 -3.29 -20.05
CA GLY B 40 -14.73 -4.46 -19.75
C GLY B 40 -15.66 -4.23 -18.56
N THR B 41 -15.86 -5.30 -17.78
CA THR B 41 -16.73 -5.26 -16.62
C THR B 41 -16.14 -6.14 -15.52
N TYR B 42 -16.52 -5.82 -14.28
CA TYR B 42 -16.06 -6.52 -13.11
C TYR B 42 -17.29 -6.90 -12.30
N GLU B 43 -17.28 -8.11 -11.75
CA GLU B 43 -18.30 -8.53 -10.82
C GLU B 43 -17.61 -9.00 -9.54
N SER B 44 -17.90 -8.34 -8.40
CA SER B 44 -17.31 -8.70 -7.13
C SER B 44 -18.15 -9.72 -6.37
N ALA B 45 -17.48 -10.77 -5.91
CA ALA B 45 -18.06 -11.80 -5.08
C ALA B 45 -18.26 -11.31 -3.65
N VAL B 46 -17.61 -10.20 -3.29
CA VAL B 46 -17.72 -9.69 -1.93
C VAL B 46 -18.04 -8.20 -1.92
N GLY B 47 -18.40 -7.69 -0.75
CA GLY B 47 -18.57 -6.26 -0.54
C GLY B 47 -19.96 -5.78 -0.93
N ASN B 48 -20.14 -4.48 -1.06
CA ASN B 48 -21.49 -3.95 -1.24
C ASN B 48 -21.65 -3.76 -2.75
N ALA B 49 -21.78 -4.91 -3.44
CA ALA B 49 -21.65 -4.90 -4.89
C ALA B 49 -22.63 -5.91 -5.48
N GLU B 50 -23.20 -5.58 -6.62
CA GLU B 50 -24.04 -6.54 -7.31
C GLU B 50 -23.95 -6.29 -8.80
N SER B 51 -23.90 -7.40 -9.54
CA SER B 51 -23.96 -7.43 -10.97
C SER B 51 -22.65 -6.83 -11.50
N ARG B 52 -22.68 -6.27 -12.71
CA ARG B 52 -21.48 -5.84 -13.40
C ARG B 52 -21.24 -4.34 -13.22
N TYR B 53 -19.96 -3.98 -13.17
CA TYR B 53 -19.56 -2.59 -13.12
C TYR B 53 -18.54 -2.36 -14.23
N VAL B 54 -18.57 -1.17 -14.82
CA VAL B 54 -17.66 -0.84 -15.90
C VAL B 54 -16.24 -0.73 -15.37
N LEU B 55 -15.27 -1.17 -16.17
CA LEU B 55 -13.89 -0.90 -15.86
C LEU B 55 -13.16 -0.40 -17.10
N THR B 56 -12.11 0.38 -16.84
CA THR B 56 -11.23 0.85 -17.89
C THR B 56 -9.81 0.81 -17.37
N GLY B 57 -8.83 0.64 -18.27
CA GLY B 57 -7.46 0.72 -17.80
C GLY B 57 -6.49 0.74 -18.97
N ARG B 58 -5.24 0.37 -18.67
CA ARG B 58 -4.14 0.45 -19.62
C ARG B 58 -3.18 -0.72 -19.39
N TYR B 59 -2.46 -1.13 -20.45
CA TYR B 59 -1.45 -2.16 -20.30
C TYR B 59 -0.29 -1.80 -21.24
N ASP B 60 0.89 -2.34 -20.96
CA ASP B 60 2.06 -2.09 -21.78
C ASP B 60 1.95 -2.99 -23.00
N SER B 61 1.64 -2.39 -24.13
CA SER B 61 1.40 -3.16 -25.34
C SER B 61 2.71 -3.54 -26.04
N ALA B 62 3.87 -3.04 -25.58
CA ALA B 62 5.14 -3.46 -26.15
C ALA B 62 6.04 -3.92 -25.02
N PRO B 63 5.71 -5.05 -24.37
CA PRO B 63 6.46 -5.51 -23.19
C PRO B 63 7.89 -5.91 -23.56
N ALA B 64 8.75 -6.02 -22.54
CA ALA B 64 10.11 -6.51 -22.73
C ALA B 64 10.07 -8.00 -23.12
N THR B 65 11.11 -8.45 -23.82
CA THR B 65 11.10 -9.76 -24.47
C THR B 65 11.92 -10.76 -23.66
N ASP B 66 12.26 -10.40 -22.41
CA ASP B 66 13.29 -11.08 -21.62
C ASP B 66 12.64 -11.95 -20.55
N GLY B 67 11.37 -12.30 -20.76
CA GLY B 67 10.63 -13.10 -19.78
C GLY B 67 9.96 -12.27 -18.69
N SER B 68 10.07 -10.94 -18.72
CA SER B 68 9.37 -10.10 -17.76
C SER B 68 7.87 -10.21 -17.97
N GLY B 69 7.09 -9.94 -16.91
CA GLY B 69 5.65 -9.77 -17.05
C GLY B 69 5.29 -8.48 -17.79
N THR B 70 4.00 -8.33 -18.12
CA THR B 70 3.46 -7.14 -18.77
C THR B 70 2.71 -6.28 -17.77
N ALA B 71 3.17 -5.04 -17.57
CA ALA B 71 2.52 -4.19 -16.59
C ALA B 71 1.14 -3.75 -17.07
N LEU B 72 0.22 -3.58 -16.11
CA LEU B 72 -1.12 -3.13 -16.44
C LEU B 72 -1.82 -2.65 -15.18
N GLY B 73 -2.90 -1.91 -15.38
CA GLY B 73 -3.81 -1.60 -14.28
C GLY B 73 -5.17 -1.18 -14.78
N TRP B 74 -6.14 -1.21 -13.85
CA TRP B 74 -7.48 -0.77 -14.25
C TRP B 74 -8.24 -0.28 -13.02
N THR B 75 -9.34 0.44 -13.30
CA THR B 75 -10.15 1.03 -12.25
C THR B 75 -11.59 0.56 -12.39
N VAL B 76 -12.25 0.42 -11.24
CA VAL B 76 -13.70 0.27 -11.14
C VAL B 76 -14.22 1.29 -10.12
N ALA B 77 -15.21 2.09 -10.53
CA ALA B 77 -16.03 2.87 -9.60
C ALA B 77 -17.30 2.09 -9.29
N TRP B 78 -17.60 1.91 -8.00
CA TRP B 78 -18.56 0.91 -7.56
C TRP B 78 -19.97 1.49 -7.57
N LYS B 79 -20.30 2.06 -8.74
CA LYS B 79 -21.62 2.55 -9.05
C LYS B 79 -22.06 1.94 -10.37
N ASN B 80 -23.29 1.43 -10.36
CA ASN B 80 -23.94 0.88 -11.55
C ASN B 80 -25.43 1.17 -11.39
N ASN B 81 -26.30 0.50 -12.14
CA ASN B 81 -27.73 0.81 -12.04
C ASN B 81 -28.38 0.21 -10.79
N TYR B 82 -27.63 -0.58 -10.00
CA TYR B 82 -28.18 -1.32 -8.87
C TYR B 82 -27.73 -0.72 -7.55
N ARG B 83 -26.45 -0.34 -7.46
CA ARG B 83 -25.89 0.11 -6.19
C ARG B 83 -24.86 1.20 -6.42
N ASN B 84 -24.63 1.96 -5.37
CA ASN B 84 -23.55 2.92 -5.33
C ASN B 84 -22.85 2.76 -3.99
N ALA B 85 -21.61 2.27 -4.00
CA ALA B 85 -20.86 2.13 -2.77
C ALA B 85 -20.01 3.36 -2.49
N HIS B 86 -20.09 4.40 -3.35
CA HIS B 86 -19.33 5.62 -3.19
C HIS B 86 -17.85 5.31 -3.01
N SER B 87 -17.32 4.51 -3.94
CA SER B 87 -15.94 4.07 -3.80
C SER B 87 -15.39 3.65 -5.16
N ALA B 88 -14.07 3.47 -5.21
CA ALA B 88 -13.38 3.06 -6.43
C ALA B 88 -12.18 2.20 -6.06
N THR B 89 -12.00 1.11 -6.80
CA THR B 89 -10.79 0.33 -6.66
C THR B 89 -9.94 0.46 -7.92
N THR B 90 -8.62 0.59 -7.73
CA THR B 90 -7.64 0.40 -8.78
C THR B 90 -6.81 -0.85 -8.47
N TRP B 91 -6.60 -1.67 -9.51
CA TRP B 91 -5.66 -2.78 -9.47
C TRP B 91 -4.44 -2.37 -10.29
N SER B 92 -3.26 -2.55 -9.72
CA SER B 92 -1.99 -2.43 -10.39
C SER B 92 -1.25 -3.76 -10.32
N GLY B 93 -0.74 -4.26 -11.46
CA GLY B 93 -0.03 -5.53 -11.42
C GLY B 93 0.61 -5.90 -12.75
N GLN B 94 0.82 -7.21 -12.94
CA GLN B 94 1.42 -7.66 -14.18
C GLN B 94 0.81 -9.00 -14.60
N TYR B 95 0.70 -9.12 -15.93
CA TYR B 95 0.22 -10.31 -16.60
C TYR B 95 1.40 -11.23 -16.89
N VAL B 96 1.33 -12.49 -16.45
CA VAL B 96 2.39 -13.45 -16.67
C VAL B 96 1.82 -14.54 -17.57
N GLY B 97 2.41 -14.70 -18.76
CA GLY B 97 1.95 -15.67 -19.75
C GLY B 97 2.35 -17.13 -19.44
N GLY B 98 2.01 -18.05 -20.34
CA GLY B 98 2.37 -19.45 -20.18
C GLY B 98 1.20 -20.29 -19.68
N ALA B 99 1.49 -21.55 -19.35
CA ALA B 99 0.50 -22.61 -19.27
C ALA B 99 -0.55 -22.32 -18.20
N GLU B 100 -0.10 -21.79 -17.06
CA GLU B 100 -0.98 -21.29 -16.03
C GLU B 100 -0.84 -19.77 -15.99
N ALA B 101 -1.42 -19.08 -16.99
CA ALA B 101 -1.33 -17.63 -17.11
C ALA B 101 -1.99 -16.97 -15.88
N ARG B 102 -1.35 -15.90 -15.37
CA ARG B 102 -1.83 -15.19 -14.18
C ARG B 102 -1.82 -13.68 -14.41
N ILE B 103 -2.78 -13.01 -13.77
CA ILE B 103 -2.56 -11.61 -13.45
C ILE B 103 -2.40 -11.44 -11.94
N ASN B 104 -1.22 -10.96 -11.56
CA ASN B 104 -0.89 -10.76 -10.15
C ASN B 104 -1.03 -9.28 -9.83
N THR B 105 -1.93 -8.96 -8.90
CA THR B 105 -2.22 -7.56 -8.60
C THR B 105 -2.07 -7.23 -7.11
N GLN B 106 -1.91 -5.92 -6.88
CA GLN B 106 -2.18 -5.25 -5.63
C GLN B 106 -3.23 -4.17 -5.94
N TRP B 107 -4.12 -3.88 -4.98
CA TRP B 107 -5.18 -2.91 -5.24
C TRP B 107 -5.35 -1.91 -4.09
N LEU B 108 -5.86 -0.71 -4.44
CA LEU B 108 -6.27 0.32 -3.51
C LEU B 108 -7.75 0.61 -3.68
N LEU B 109 -8.52 0.51 -2.59
CA LEU B 109 -9.94 0.84 -2.63
C LEU B 109 -10.19 2.10 -1.80
N THR B 110 -10.55 3.21 -2.45
CA THR B 110 -10.75 4.48 -1.76
C THR B 110 -12.25 4.77 -1.67
N SER B 111 -12.73 5.00 -0.45
CA SER B 111 -14.11 5.43 -0.23
C SER B 111 -14.16 6.96 -0.22
N GLY B 112 -15.25 7.54 -0.74
CA GLY B 112 -15.50 8.95 -0.50
C GLY B 112 -15.78 9.20 0.99
N THR B 113 -15.09 10.14 1.62
CA THR B 113 -15.31 10.36 3.04
C THR B 113 -15.32 11.86 3.35
N THR B 114 -15.77 12.18 4.57
CA THR B 114 -15.48 13.47 5.15
C THR B 114 -13.97 13.59 5.42
N GLU B 115 -13.53 14.85 5.58
CA GLU B 115 -12.14 15.17 5.82
C GLU B 115 -11.68 14.54 7.13
N ALA B 116 -12.59 14.48 8.10
CA ALA B 116 -12.27 13.97 9.42
C ALA B 116 -12.03 12.47 9.40
N ASN B 117 -12.64 11.74 8.45
CA ASN B 117 -12.47 10.31 8.30
C ASN B 117 -11.52 9.92 7.15
N ALA B 118 -10.87 10.89 6.53
CA ALA B 118 -10.03 10.64 5.36
C ALA B 118 -8.86 9.71 5.70
N TRP B 119 -8.34 9.77 6.92
CA TRP B 119 -7.23 8.90 7.33
C TRP B 119 -7.56 7.42 7.10
N LYS B 120 -8.84 7.05 7.28
CA LYS B 120 -9.22 5.66 7.10
C LYS B 120 -10.03 5.45 5.83
N SER B 121 -9.74 6.23 4.78
CA SER B 121 -10.48 6.17 3.54
C SER B 121 -10.07 5.02 2.63
N THR B 122 -8.91 4.38 2.83
CA THR B 122 -8.34 3.57 1.77
C THR B 122 -7.95 2.17 2.26
N LEU B 123 -8.52 1.13 1.60
CA LEU B 123 -8.10 -0.25 1.84
C LEU B 123 -7.03 -0.68 0.84
N VAL B 124 -6.17 -1.60 1.27
CA VAL B 124 -5.16 -2.17 0.38
C VAL B 124 -5.25 -3.71 0.47
N GLY B 125 -5.08 -4.34 -0.69
CA GLY B 125 -5.10 -5.78 -0.79
C GLY B 125 -4.32 -6.30 -2.00
N HIS B 126 -4.48 -7.61 -2.22
CA HIS B 126 -3.84 -8.25 -3.34
C HIS B 126 -4.81 -9.29 -3.89
N ASP B 127 -5.02 -9.27 -5.22
CA ASP B 127 -5.77 -10.29 -5.91
C ASP B 127 -4.91 -10.95 -6.98
N THR B 128 -5.07 -12.29 -7.11
CA THR B 128 -4.54 -13.08 -8.20
C THR B 128 -5.67 -13.65 -9.04
N PHE B 129 -5.56 -13.39 -10.33
CA PHE B 129 -6.51 -13.78 -11.35
C PHE B 129 -5.94 -14.91 -12.18
N THR B 130 -6.78 -15.92 -12.44
CA THR B 130 -6.40 -17.00 -13.34
C THR B 130 -7.50 -17.19 -14.36
N LYS B 131 -7.20 -17.98 -15.40
CA LYS B 131 -8.20 -18.23 -16.44
C LYS B 131 -9.26 -19.26 -16.04
N VAL B 132 -9.10 -19.97 -14.90
CA VAL B 132 -10.10 -20.94 -14.49
C VAL B 132 -10.51 -20.69 -13.04
N LYS B 133 -11.78 -20.92 -12.69
CA LYS B 133 -12.28 -20.67 -11.34
C LYS B 133 -11.58 -19.44 -10.79
N ARG C 11 -22.66 15.66 -8.82
CA ARG C 11 -21.85 15.58 -10.07
C ARG C 11 -20.74 16.61 -9.97
N ASP C 12 -19.52 16.09 -9.79
CA ASP C 12 -18.34 16.93 -9.74
C ASP C 12 -17.72 16.89 -11.13
N GLN C 13 -18.55 16.58 -12.13
CA GLN C 13 -18.08 16.44 -13.50
C GLN C 13 -17.33 17.72 -13.89
N ALA C 14 -18.02 18.86 -13.71
CA ALA C 14 -17.43 20.17 -13.89
C ALA C 14 -16.17 20.32 -13.04
N GLY C 15 -16.33 20.04 -11.74
CA GLY C 15 -15.26 20.10 -10.76
C GLY C 15 -14.00 19.34 -11.16
N ILE C 16 -14.15 18.14 -11.74
CA ILE C 16 -13.02 17.26 -11.93
C ILE C 16 -12.29 17.61 -13.22
N THR C 17 -13.07 17.91 -14.26
CA THR C 17 -12.56 18.20 -15.58
C THR C 17 -11.62 19.38 -15.49
N GLY C 18 -10.45 19.25 -16.14
CA GLY C 18 -9.49 20.34 -16.23
C GLY C 18 -8.07 19.85 -16.03
N THR C 19 -7.20 20.78 -15.60
CA THR C 19 -5.78 20.57 -15.46
C THR C 19 -5.44 20.58 -13.98
N TRP C 20 -4.68 19.55 -13.58
CA TRP C 20 -4.23 19.41 -12.21
C TRP C 20 -2.73 19.21 -12.15
N TYR C 21 -2.13 19.60 -11.00
CA TYR C 21 -0.70 19.53 -10.77
C TYR C 21 -0.48 18.88 -9.40
N ASN C 22 0.55 18.08 -9.26
CA ASN C 22 0.80 17.48 -7.97
C ASN C 22 2.07 18.12 -7.40
N GLN C 23 2.48 17.63 -6.23
CA GLN C 23 3.56 18.22 -5.47
C GLN C 23 4.92 17.98 -6.14
N LEU C 24 4.98 17.15 -7.18
CA LEU C 24 6.23 16.88 -7.87
C LEU C 24 6.38 17.75 -9.11
N GLY C 25 5.33 18.50 -9.40
CA GLY C 25 5.25 19.25 -10.63
C GLY C 25 4.80 18.40 -11.81
N SER C 26 4.11 17.27 -11.57
CA SER C 26 3.54 16.51 -12.66
C SER C 26 2.21 17.15 -13.08
N THR C 27 1.79 16.89 -14.32
CA THR C 27 0.61 17.53 -14.89
C THR C 27 -0.42 16.48 -15.30
N PHE C 28 -1.64 16.60 -14.75
CA PHE C 28 -2.70 15.66 -15.05
C PHE C 28 -3.81 16.43 -15.76
N ILE C 29 -4.18 16.01 -16.98
CA ILE C 29 -5.26 16.61 -17.73
C ILE C 29 -6.36 15.57 -17.98
N VAL C 30 -7.57 15.91 -17.55
CA VAL C 30 -8.63 14.93 -17.49
C VAL C 30 -9.96 15.53 -17.91
N THR C 31 -10.76 14.72 -18.61
CA THR C 31 -12.18 15.02 -18.78
C THR C 31 -13.03 13.97 -18.06
N ALA C 32 -14.04 14.46 -17.34
CA ALA C 32 -14.98 13.58 -16.68
C ALA C 32 -16.25 13.51 -17.52
N GLY C 33 -16.62 12.32 -18.00
CA GLY C 33 -17.88 12.09 -18.69
C GLY C 33 -19.05 11.90 -17.71
N ALA C 34 -20.28 12.15 -18.16
CA ALA C 34 -21.46 12.11 -17.29
C ALA C 34 -21.76 10.69 -16.81
N ASP C 35 -21.24 9.69 -17.52
CA ASP C 35 -21.40 8.28 -17.18
C ASP C 35 -20.36 7.79 -16.17
N GLY C 36 -19.40 8.65 -15.77
CA GLY C 36 -18.38 8.24 -14.81
C GLY C 36 -17.02 7.90 -15.43
N ALA C 37 -16.82 8.18 -16.73
CA ALA C 37 -15.53 7.94 -17.37
C ALA C 37 -14.52 9.03 -17.01
N LEU C 38 -13.23 8.65 -16.95
CA LEU C 38 -12.15 9.62 -16.92
C LEU C 38 -11.23 9.30 -18.08
N THR C 39 -10.85 10.34 -18.83
CA THR C 39 -10.00 10.21 -20.01
C THR C 39 -9.06 11.43 -20.02
N GLY C 40 -7.81 11.24 -20.48
CA GLY C 40 -6.92 12.38 -20.58
C GLY C 40 -5.48 11.97 -20.83
N THR C 41 -4.55 12.77 -20.29
CA THR C 41 -3.13 12.53 -20.46
C THR C 41 -2.44 12.92 -19.16
N TYR C 42 -1.28 12.31 -18.94
CA TYR C 42 -0.49 12.57 -17.75
C TYR C 42 0.92 12.88 -18.19
N GLU C 43 1.56 13.80 -17.46
CA GLU C 43 2.94 14.15 -17.71
C GLU C 43 3.69 14.09 -16.38
N SER C 44 4.67 13.19 -16.26
CA SER C 44 5.41 13.03 -15.02
C SER C 44 6.66 13.88 -15.02
N ALA C 45 6.84 14.66 -13.95
CA ALA C 45 8.04 15.44 -13.70
C ALA C 45 9.23 14.56 -13.33
N VAL C 46 8.97 13.33 -12.86
CA VAL C 46 10.03 12.45 -12.40
C VAL C 46 9.96 11.10 -13.11
N GLY C 47 11.00 10.29 -12.90
CA GLY C 47 11.03 8.94 -13.41
C GLY C 47 11.47 8.87 -14.88
N ASN C 48 11.30 7.70 -15.49
CA ASN C 48 11.78 7.50 -16.85
C ASN C 48 10.59 7.80 -17.75
N ALA C 49 10.31 9.10 -17.91
CA ALA C 49 9.08 9.53 -18.55
C ALA C 49 9.35 10.81 -19.34
N GLU C 50 8.73 10.91 -20.51
CA GLU C 50 8.77 12.16 -21.24
C GLU C 50 7.46 12.33 -21.99
N SER C 51 7.02 13.58 -21.99
CA SER C 51 5.90 14.04 -22.76
C SER C 51 4.65 13.43 -22.12
N ARG C 52 3.60 13.27 -22.91
CA ARG C 52 2.30 12.86 -22.42
C ARG C 52 2.07 11.37 -22.63
N TYR C 53 1.29 10.80 -21.69
CA TYR C 53 0.87 9.43 -21.73
C TYR C 53 -0.64 9.40 -21.51
N VAL C 54 -1.32 8.50 -22.20
CA VAL C 54 -2.76 8.35 -22.08
C VAL C 54 -3.15 7.84 -20.70
N LEU C 55 -4.26 8.33 -20.17
CA LEU C 55 -4.85 7.75 -18.98
C LEU C 55 -6.34 7.55 -19.17
N THR C 56 -6.85 6.57 -18.42
CA THR C 56 -8.24 6.27 -18.41
C THR C 56 -8.59 5.94 -16.97
N GLY C 57 -9.83 6.22 -16.57
CA GLY C 57 -10.24 5.71 -15.28
C GLY C 57 -11.72 5.92 -15.07
N ARG C 58 -12.15 5.91 -13.82
CA ARG C 58 -13.57 6.01 -13.47
C ARG C 58 -13.75 6.91 -12.25
N TYR C 59 -14.94 7.49 -12.08
CA TYR C 59 -15.24 8.21 -10.84
C TYR C 59 -16.71 8.00 -10.50
N ASP C 60 -17.07 8.19 -9.22
CA ASP C 60 -18.45 8.08 -8.75
C ASP C 60 -19.21 9.33 -9.19
N SER C 61 -20.05 9.13 -10.19
CA SER C 61 -20.76 10.24 -10.81
C SER C 61 -22.02 10.63 -10.01
N ALA C 62 -22.34 9.91 -8.93
CA ALA C 62 -23.46 10.31 -8.07
C ALA C 62 -23.02 10.18 -6.61
N PRO C 63 -22.16 11.10 -6.13
CA PRO C 63 -21.54 10.95 -4.81
C PRO C 63 -22.56 11.26 -3.72
N ALA C 64 -22.23 10.91 -2.48
CA ALA C 64 -23.06 11.22 -1.32
C ALA C 64 -23.12 12.74 -1.14
N THR C 65 -24.21 13.23 -0.54
CA THR C 65 -24.50 14.65 -0.53
C THR C 65 -24.19 15.23 0.86
N ASP C 66 -23.40 14.48 1.64
CA ASP C 66 -23.26 14.67 3.08
C ASP C 66 -21.91 15.30 3.41
N GLY C 67 -21.24 15.84 2.38
CA GLY C 67 -19.93 16.44 2.54
C GLY C 67 -18.76 15.48 2.24
N SER C 68 -19.03 14.20 1.99
CA SER C 68 -17.97 13.29 1.61
C SER C 68 -17.32 13.74 0.30
N GLY C 69 -16.06 13.32 0.07
CA GLY C 69 -15.43 13.47 -1.24
C GLY C 69 -16.04 12.53 -2.29
N THR C 70 -15.54 12.61 -3.52
CA THR C 70 -15.98 11.77 -4.64
C THR C 70 -14.89 10.76 -5.00
N ALA C 71 -15.20 9.47 -4.88
CA ALA C 71 -14.19 8.45 -5.14
C ALA C 71 -13.84 8.43 -6.61
N LEU C 72 -12.57 8.12 -6.90
CA LEU C 72 -12.17 7.99 -8.29
C LEU C 72 -10.81 7.29 -8.37
N GLY C 73 -10.46 6.85 -9.56
CA GLY C 73 -9.11 6.36 -9.81
C GLY C 73 -8.80 6.36 -11.29
N TRP C 74 -7.51 6.24 -11.62
CA TRP C 74 -7.16 6.11 -13.02
C TRP C 74 -5.81 5.40 -13.15
N THR C 75 -5.54 4.96 -14.37
CA THR C 75 -4.32 4.24 -14.69
C THR C 75 -3.57 4.97 -15.79
N VAL C 76 -2.24 4.89 -15.71
CA VAL C 76 -1.32 5.22 -16.79
C VAL C 76 -0.36 4.05 -17.00
N ALA C 77 -0.25 3.58 -18.25
CA ALA C 77 0.85 2.70 -18.63
C ALA C 77 1.97 3.53 -19.27
N TRP C 78 3.21 3.35 -18.82
CA TRP C 78 4.28 4.28 -19.10
C TRP C 78 4.94 3.96 -20.44
N LYS C 79 4.08 3.88 -21.46
CA LYS C 79 4.50 3.73 -22.85
C LYS C 79 3.75 4.76 -23.68
N ASN C 80 4.54 5.45 -24.51
CA ASN C 80 4.06 6.43 -25.48
C ASN C 80 5.04 6.39 -26.63
N ASN C 81 5.03 7.38 -27.51
CA ASN C 81 5.86 7.28 -28.72
C ASN C 81 7.34 7.53 -28.41
N TYR C 82 7.67 7.99 -27.20
CA TYR C 82 9.02 8.42 -26.88
C TYR C 82 9.72 7.36 -26.02
N ARG C 83 9.02 6.78 -25.05
CA ARG C 83 9.67 5.91 -24.08
C ARG C 83 8.72 4.77 -23.71
N ASN C 84 9.31 3.71 -23.19
CA ASN C 84 8.53 2.65 -22.58
C ASN C 84 9.25 2.24 -21.29
N ALA C 85 8.60 2.47 -20.15
CA ALA C 85 9.20 2.15 -18.86
C ALA C 85 8.75 0.77 -18.40
N HIS C 86 7.97 0.05 -19.22
CA HIS C 86 7.50 -1.28 -18.88
C HIS C 86 6.85 -1.28 -17.49
N SER C 87 5.95 -0.32 -17.29
CA SER C 87 5.34 -0.18 -15.99
C SER C 87 4.01 0.53 -16.11
N ALA C 88 3.25 0.49 -15.02
CA ALA C 88 1.94 1.14 -14.98
C ALA C 88 1.68 1.64 -13.56
N THR C 89 1.15 2.87 -13.47
CA THR C 89 0.71 3.40 -12.20
C THR C 89 -0.81 3.52 -12.18
N THR C 90 -1.41 3.10 -11.07
CA THR C 90 -2.80 3.47 -10.75
C THR C 90 -2.85 4.40 -9.55
N TRP C 91 -3.64 5.47 -9.69
CA TRP C 91 -3.98 6.36 -8.59
C TRP C 91 -5.39 6.01 -8.14
N SER C 92 -5.57 5.91 -6.82
CA SER C 92 -6.87 5.71 -6.20
C SER C 92 -7.06 6.80 -5.16
N GLY C 93 -8.16 7.57 -5.22
CA GLY C 93 -8.35 8.61 -4.22
C GLY C 93 -9.75 9.24 -4.24
N GLN C 94 -9.83 10.48 -3.76
CA GLN C 94 -11.09 11.19 -3.76
C GLN C 94 -10.87 12.65 -4.11
N TYR C 95 -11.88 13.21 -4.80
CA TYR C 95 -11.91 14.61 -5.16
C TYR C 95 -12.67 15.34 -4.06
N VAL C 96 -12.09 16.45 -3.58
CA VAL C 96 -12.71 17.26 -2.55
C VAL C 96 -12.90 18.67 -3.15
N GLY C 97 -14.16 19.10 -3.29
CA GLY C 97 -14.47 20.41 -3.85
C GLY C 97 -14.30 21.57 -2.85
N GLY C 98 -14.47 22.81 -3.33
CA GLY C 98 -14.38 24.00 -2.50
C GLY C 98 -13.25 24.92 -2.95
N ALA C 99 -13.08 26.02 -2.22
CA ALA C 99 -12.18 27.10 -2.61
C ALA C 99 -10.81 26.56 -3.03
N GLU C 100 -10.32 25.58 -2.27
CA GLU C 100 -9.06 24.93 -2.56
C GLU C 100 -9.36 23.47 -2.88
N ALA C 101 -9.84 23.21 -4.11
CA ALA C 101 -10.21 21.87 -4.53
C ALA C 101 -8.96 21.00 -4.62
N ARG C 102 -9.09 19.74 -4.19
CA ARG C 102 -7.97 18.80 -4.16
C ARG C 102 -8.42 17.44 -4.67
N ILE C 103 -7.50 16.75 -5.35
CA ILE C 103 -7.59 15.29 -5.42
C ILE C 103 -6.51 14.67 -4.56
N ASN C 104 -6.93 13.93 -3.53
CA ASN C 104 -5.98 13.26 -2.64
C ASN C 104 -5.88 11.81 -3.08
N THR C 105 -4.66 11.37 -3.41
CA THR C 105 -4.48 10.02 -3.92
C THR C 105 -3.40 9.25 -3.17
N GLN C 106 -3.53 7.92 -3.28
CA GLN C 106 -2.47 6.95 -3.06
C GLN C 106 -2.31 6.17 -4.37
N TRP C 107 -1.07 5.73 -4.69
CA TRP C 107 -0.83 5.09 -5.98
C TRP C 107 0.05 3.86 -5.82
N LEU C 108 -0.14 2.89 -6.73
CA LEU C 108 0.71 1.74 -6.91
C LEU C 108 1.31 1.79 -8.30
N LEU C 109 2.64 1.62 -8.34
CA LEU C 109 3.35 1.55 -9.62
C LEU C 109 3.98 0.17 -9.76
N THR C 110 3.46 -0.64 -10.69
CA THR C 110 3.99 -1.99 -10.90
C THR C 110 4.83 -2.03 -12.18
N SER C 111 6.06 -2.56 -12.05
CA SER C 111 6.95 -2.81 -13.16
C SER C 111 6.76 -4.26 -13.63
N GLY C 112 6.78 -4.49 -14.94
CA GLY C 112 6.98 -5.84 -15.45
C GLY C 112 8.33 -6.41 -14.99
N THR C 113 8.33 -7.62 -14.42
CA THR C 113 9.54 -8.19 -13.87
C THR C 113 9.58 -9.69 -14.15
N THR C 114 10.77 -10.28 -13.98
CA THR C 114 10.89 -11.73 -13.89
C THR C 114 10.19 -12.21 -12.62
N GLU C 115 9.90 -13.51 -12.56
CA GLU C 115 9.19 -14.10 -11.43
C GLU C 115 10.07 -14.01 -10.19
N ALA C 116 11.37 -14.08 -10.38
CA ALA C 116 12.35 -13.99 -9.31
C ALA C 116 12.39 -12.59 -8.69
N ASN C 117 12.08 -11.54 -9.46
CA ASN C 117 12.13 -10.17 -8.96
C ASN C 117 10.71 -9.65 -8.61
N ALA C 118 9.68 -10.48 -8.71
CA ALA C 118 8.30 -10.04 -8.52
C ALA C 118 8.08 -9.39 -7.14
N TRP C 119 8.80 -9.86 -6.13
CA TRP C 119 8.62 -9.37 -4.77
C TRP C 119 8.90 -7.87 -4.70
N LYS C 120 9.79 -7.37 -5.56
CA LYS C 120 10.06 -5.95 -5.58
C LYS C 120 9.47 -5.28 -6.82
N SER C 121 8.34 -5.78 -7.32
CA SER C 121 7.76 -5.22 -8.54
C SER C 121 7.04 -3.90 -8.30
N THR C 122 6.61 -3.58 -7.07
CA THR C 122 5.60 -2.56 -6.93
C THR C 122 5.99 -1.44 -5.95
N LEU C 123 5.95 -0.18 -6.44
CA LEU C 123 6.13 0.97 -5.57
C LEU C 123 4.78 1.52 -5.11
N VAL C 124 4.77 2.14 -3.90
CA VAL C 124 3.57 2.78 -3.36
C VAL C 124 3.93 4.21 -2.91
N GLY C 125 2.99 5.13 -3.14
CA GLY C 125 3.17 6.52 -2.80
C GLY C 125 1.84 7.25 -2.65
N HIS C 126 1.92 8.57 -2.50
CA HIS C 126 0.72 9.39 -2.35
C HIS C 126 0.98 10.68 -3.13
N ASP C 127 0.05 11.11 -3.97
CA ASP C 127 0.14 12.40 -4.62
C ASP C 127 -1.10 13.20 -4.27
N THR C 128 -0.90 14.52 -4.05
CA THR C 128 -1.97 15.48 -3.90
C THR C 128 -1.97 16.44 -5.08
N PHE C 129 -3.15 16.60 -5.70
CA PHE C 129 -3.30 17.40 -6.89
C PHE C 129 -4.14 18.62 -6.57
N THR C 130 -3.68 19.77 -7.08
CA THR C 130 -4.43 20.99 -6.94
C THR C 130 -4.58 21.63 -8.31
N LYS C 131 -5.45 22.64 -8.37
CA LYS C 131 -5.69 23.37 -9.61
C LYS C 131 -4.63 24.43 -9.92
N VAL C 132 -3.69 24.71 -9.02
CA VAL C 132 -2.62 25.64 -9.35
C VAL C 132 -1.26 25.03 -9.02
N LYS C 133 -0.22 25.35 -9.83
CA LYS C 133 1.09 24.73 -9.74
C LYS C 133 1.09 23.48 -9.61
N ARG D 11 24.52 8.81 15.52
CA ARG D 11 24.33 9.41 14.17
C ARG D 11 23.07 10.28 14.18
N ASP D 12 21.91 9.65 13.92
CA ASP D 12 20.63 10.33 13.99
C ASP D 12 19.94 9.94 15.28
N GLN D 13 20.62 9.14 16.10
CA GLN D 13 20.09 8.65 17.36
C GLN D 13 19.52 9.83 18.16
N ALA D 14 20.32 10.88 18.31
CA ALA D 14 19.88 12.09 18.97
C ALA D 14 18.75 12.76 18.17
N GLY D 15 18.99 12.88 16.85
CA GLY D 15 17.99 13.35 15.90
C GLY D 15 16.60 12.72 16.07
N ILE D 16 16.55 11.41 16.32
CA ILE D 16 15.28 10.70 16.30
C ILE D 16 14.60 10.75 17.66
N THR D 17 15.41 10.58 18.69
CA THR D 17 14.87 10.49 20.04
C THR D 17 14.10 11.76 20.35
N GLY D 18 12.90 11.59 20.93
CA GLY D 18 12.11 12.74 21.35
C GLY D 18 10.63 12.60 21.01
N THR D 19 9.94 13.76 20.93
CA THR D 19 8.52 13.83 20.72
C THR D 19 8.24 14.32 19.31
N TRP D 20 7.26 13.66 18.66
CA TRP D 20 6.90 14.00 17.30
C TRP D 20 5.40 14.10 17.19
N TYR D 21 4.91 14.92 16.26
CA TYR D 21 3.49 15.09 16.07
C TYR D 21 3.19 14.85 14.58
N ASN D 22 2.02 14.32 14.28
CA ASN D 22 1.72 14.17 12.88
C ASN D 22 0.60 15.14 12.53
N GLN D 23 0.15 15.10 11.28
CA GLN D 23 -0.82 16.06 10.77
C GLN D 23 -2.21 15.84 11.39
N LEU D 24 -2.41 14.74 12.13
CA LEU D 24 -3.70 14.47 12.73
C LEU D 24 -3.74 14.96 14.16
N GLY D 25 -2.60 15.41 14.65
CA GLY D 25 -2.46 15.77 16.04
C GLY D 25 -2.13 14.56 16.92
N SER D 26 -1.69 13.45 16.33
CA SER D 26 -1.25 12.32 17.15
C SER D 26 0.17 12.60 17.68
N THR D 27 0.54 11.91 18.76
CA THR D 27 1.79 12.18 19.46
C THR D 27 2.63 10.90 19.54
N PHE D 28 3.86 10.99 19.05
CA PHE D 28 4.75 9.84 18.98
C PHE D 28 5.96 10.17 19.82
N ILE D 29 6.21 9.37 20.87
CA ILE D 29 7.32 9.56 21.79
C ILE D 29 8.25 8.36 21.71
N VAL D 30 9.51 8.63 21.34
CA VAL D 30 10.38 7.53 20.98
C VAL D 30 11.78 7.75 21.52
N THR D 31 12.44 6.63 21.88
CA THR D 31 13.87 6.61 22.13
C THR D 31 14.58 5.71 21.11
N ALA D 32 15.62 6.26 20.48
CA ALA D 32 16.45 5.51 19.56
C ALA D 32 17.68 4.99 20.30
N GLY D 33 17.84 3.66 20.37
CA GLY D 33 19.02 3.03 20.95
C GLY D 33 20.20 3.00 19.97
N ALA D 34 21.43 2.87 20.48
CA ALA D 34 22.63 2.85 19.65
C ALA D 34 22.69 1.59 18.78
N ASP D 35 21.93 0.56 19.17
CA ASP D 35 21.92 -0.71 18.47
C ASP D 35 20.84 -0.75 17.38
N GLY D 36 20.18 0.38 17.08
CA GLY D 36 19.12 0.41 16.08
C GLY D 36 17.71 0.19 16.65
N ALA D 37 17.54 0.10 17.98
CA ALA D 37 16.21 -0.15 18.54
C ALA D 37 15.38 1.13 18.59
N LEU D 38 14.05 0.99 18.43
CA LEU D 38 13.15 2.10 18.71
C LEU D 38 12.14 1.62 19.73
N THR D 39 11.89 2.44 20.76
CA THR D 39 11.00 2.12 21.87
C THR D 39 10.26 3.40 22.27
N GLY D 40 8.99 3.30 22.67
CA GLY D 40 8.29 4.46 23.18
C GLY D 40 6.79 4.23 23.30
N THR D 41 6.03 5.31 23.08
CA THR D 41 4.59 5.25 23.15
C THR D 41 3.99 6.13 22.05
N TYR D 42 2.74 5.81 21.71
CA TYR D 42 2.00 6.48 20.66
C TYR D 42 0.64 6.83 21.24
N GLU D 43 0.15 8.00 20.88
CA GLU D 43 -1.21 8.41 21.22
C GLU D 43 -1.88 8.90 19.94
N SER D 44 -3.01 8.28 19.58
CA SER D 44 -3.71 8.64 18.36
C SER D 44 -4.81 9.63 18.68
N ALA D 45 -4.87 10.67 17.84
CA ALA D 45 -5.91 11.67 17.90
C ALA D 45 -7.22 11.17 17.26
N VAL D 46 -7.17 10.08 16.50
CA VAL D 46 -8.34 9.58 15.81
C VAL D 46 -8.47 8.08 16.08
N GLY D 47 -9.59 7.48 15.65
CA GLY D 47 -9.91 6.09 15.94
C GLY D 47 -10.46 5.92 17.35
N ASN D 48 -10.86 4.72 17.76
CA ASN D 48 -11.38 4.58 19.13
C ASN D 48 -10.19 4.18 20.00
N ALA D 49 -9.21 5.07 20.03
CA ALA D 49 -7.98 4.91 20.78
C ALA D 49 -8.02 5.92 21.93
N GLU D 50 -7.44 5.55 23.06
CA GLU D 50 -7.28 6.50 24.13
C GLU D 50 -5.98 6.23 24.86
N SER D 51 -5.34 7.33 25.23
CA SER D 51 -4.15 7.36 26.04
C SER D 51 -3.01 6.76 25.22
N ARG D 52 -2.00 6.24 25.92
CA ARG D 52 -0.74 5.82 25.30
C ARG D 52 -0.77 4.31 25.04
N TYR D 53 -0.09 3.91 23.96
CA TYR D 53 0.06 2.53 23.56
C TYR D 53 1.55 2.29 23.35
N VAL D 54 2.03 1.09 23.64
CA VAL D 54 3.43 0.78 23.48
C VAL D 54 3.80 0.68 21.99
N LEU D 55 5.03 1.07 21.65
CA LEU D 55 5.53 0.82 20.31
C LEU D 55 6.96 0.38 20.39
N THR D 56 7.32 -0.43 19.42
CA THR D 56 8.67 -0.91 19.25
C THR D 56 8.99 -0.84 17.76
N GLY D 57 10.26 -0.64 17.42
CA GLY D 57 10.62 -0.67 16.02
C GLY D 57 12.13 -0.69 15.82
N ARG D 58 12.57 -0.37 14.61
CA ARG D 58 13.99 -0.43 14.28
C ARG D 58 14.34 0.76 13.37
N TYR D 59 15.62 1.13 13.35
CA TYR D 59 16.07 2.14 12.40
C TYR D 59 17.49 1.80 11.99
N ASP D 60 17.93 2.37 10.87
CA ASP D 60 19.28 2.15 10.33
C ASP D 60 20.21 3.05 11.11
N SER D 61 20.97 2.43 12.01
CA SER D 61 21.84 3.19 12.91
C SER D 61 23.14 3.63 12.21
N ALA D 62 23.42 3.15 10.98
CA ALA D 62 24.59 3.62 10.25
C ALA D 62 24.14 4.02 8.85
N PRO D 63 23.39 5.12 8.71
CA PRO D 63 22.86 5.51 7.40
C PRO D 63 23.97 5.94 6.45
N ALA D 64 23.63 6.03 5.18
CA ALA D 64 24.51 6.57 4.16
C ALA D 64 24.75 8.06 4.47
N THR D 65 25.83 8.62 3.93
CA THR D 65 26.31 9.93 4.33
C THR D 65 26.22 10.91 3.16
N ASP D 66 25.37 10.57 2.16
CA ASP D 66 25.27 11.23 0.87
C ASP D 66 24.02 12.11 0.82
N GLY D 67 23.45 12.40 1.99
CA GLY D 67 22.23 13.19 2.06
C GLY D 67 20.95 12.36 1.96
N SER D 68 21.05 11.03 2.02
CA SER D 68 19.87 10.19 2.06
C SER D 68 19.22 10.28 3.44
N GLY D 69 17.90 10.08 3.51
CA GLY D 69 17.25 9.89 4.81
C GLY D 69 17.72 8.60 5.49
N THR D 70 17.25 8.39 6.72
CA THR D 70 17.51 7.19 7.52
C THR D 70 16.24 6.34 7.61
N ALA D 71 16.35 5.09 7.15
CA ALA D 71 15.17 4.24 7.12
C ALA D 71 14.83 3.80 8.53
N LEU D 72 13.52 3.65 8.79
CA LEU D 72 13.03 3.18 10.07
C LEU D 72 11.60 2.68 9.93
N GLY D 73 11.16 1.91 10.93
CA GLY D 73 9.76 1.57 11.06
C GLY D 73 9.40 1.22 12.49
N TRP D 74 8.10 1.25 12.80
CA TRP D 74 7.67 0.78 14.10
C TRP D 74 6.25 0.25 14.03
N THR D 75 5.87 -0.46 15.10
CA THR D 75 4.56 -1.08 15.22
C THR D 75 3.87 -0.58 16.49
N VAL D 76 2.56 -0.39 16.40
CA VAL D 76 1.68 -0.27 17.56
C VAL D 76 0.56 -1.30 17.42
N ALA D 77 0.37 -2.10 18.47
CA ALA D 77 -0.83 -2.91 18.66
C ALA D 77 -1.84 -2.13 19.51
N TRP D 78 -3.07 -1.96 19.04
CA TRP D 78 -3.99 -1.01 19.65
C TRP D 78 -4.72 -1.62 20.83
N LYS D 79 -3.92 -2.19 21.75
CA LYS D 79 -4.39 -2.65 23.03
C LYS D 79 -3.54 -2.03 24.12
N ASN D 80 -4.22 -1.46 25.11
CA ASN D 80 -3.61 -0.93 26.31
C ASN D 80 -4.60 -1.19 27.45
N ASN D 81 -4.47 -0.53 28.60
CA ASN D 81 -5.34 -0.85 29.74
C ASN D 81 -6.76 -0.28 29.55
N TYR D 82 -6.97 0.60 28.57
CA TYR D 82 -8.26 1.25 28.40
C TYR D 82 -9.06 0.62 27.26
N ARG D 83 -8.39 0.22 26.16
CA ARG D 83 -9.11 -0.20 24.98
C ARG D 83 -8.36 -1.29 24.22
N ASN D 84 -9.13 -2.01 23.44
CA ASN D 84 -8.55 -2.96 22.52
C ASN D 84 -9.29 -2.83 21.19
N ALA D 85 -8.59 -2.35 20.16
CA ALA D 85 -9.19 -2.19 18.85
C ALA D 85 -8.93 -3.43 17.99
N HIS D 86 -8.28 -4.46 18.55
CA HIS D 86 -8.00 -5.70 17.84
C HIS D 86 -7.36 -5.38 16.49
N SER D 87 -6.38 -4.48 16.53
CA SER D 87 -5.71 -4.07 15.32
C SER D 87 -4.28 -3.66 15.62
N ALA D 88 -3.46 -3.55 14.57
CA ALA D 88 -2.09 -3.10 14.70
C ALA D 88 -1.70 -2.25 13.49
N THR D 89 -1.00 -1.14 13.74
CA THR D 89 -0.44 -0.36 12.69
C THR D 89 1.07 -0.50 12.65
N THR D 90 1.62 -0.55 11.44
CA THR D 90 3.06 -0.38 11.20
C THR D 90 3.28 0.83 10.32
N TRP D 91 4.25 1.68 10.74
CA TRP D 91 4.74 2.79 9.95
C TRP D 91 6.11 2.39 9.42
N SER D 92 6.32 2.60 8.12
CA SER D 92 7.59 2.42 7.45
C SER D 92 7.94 3.75 6.81
N GLY D 93 9.15 4.28 7.06
CA GLY D 93 9.50 5.52 6.37
C GLY D 93 10.96 5.92 6.57
N GLN D 94 11.21 7.23 6.49
CA GLN D 94 12.57 7.73 6.64
C GLN D 94 12.56 9.04 7.43
N TYR D 95 13.58 9.14 8.29
CA TYR D 95 13.86 10.35 9.05
C TYR D 95 14.71 11.29 8.21
N VAL D 96 14.31 12.56 8.11
CA VAL D 96 15.09 13.52 7.35
C VAL D 96 15.51 14.64 8.31
N GLY D 97 16.82 14.74 8.55
CA GLY D 97 17.36 15.76 9.44
C GLY D 97 17.30 17.17 8.84
N GLY D 98 17.75 18.17 9.60
CA GLY D 98 17.85 19.54 9.11
C GLY D 98 16.87 20.44 9.85
N ALA D 99 16.89 21.73 9.49
CA ALA D 99 16.13 22.76 10.18
C ALA D 99 14.71 22.28 10.48
N GLU D 100 14.04 21.82 9.42
CA GLU D 100 12.70 21.29 9.52
C GLU D 100 12.78 19.76 9.44
N ALA D 101 13.22 19.12 10.53
CA ALA D 101 13.39 17.68 10.57
C ALA D 101 12.03 16.99 10.50
N ARG D 102 11.93 15.95 9.67
CA ARG D 102 10.68 15.22 9.53
C ARG D 102 10.92 13.71 9.52
N ILE D 103 9.87 13.00 9.95
CA ILE D 103 9.72 11.60 9.59
C ILE D 103 8.56 11.45 8.61
N ASN D 104 8.89 10.98 7.41
CA ASN D 104 7.90 10.76 6.37
C ASN D 104 7.56 9.27 6.34
N THR D 105 6.30 8.91 6.57
CA THR D 105 5.92 7.51 6.66
C THR D 105 4.76 7.18 5.71
N GLN D 106 4.64 5.88 5.46
CA GLN D 106 3.43 5.23 4.98
C GLN D 106 3.08 4.17 6.02
N TRP D 107 1.79 3.86 6.20
CA TRP D 107 1.43 2.87 7.21
C TRP D 107 0.39 1.89 6.71
N LEU D 108 0.39 0.69 7.33
CA LEU D 108 -0.60 -0.34 7.17
C LEU D 108 -1.22 -0.65 8.51
N LEU D 109 -2.57 -0.61 8.55
CA LEU D 109 -3.33 -0.92 9.75
C LEU D 109 -4.15 -2.18 9.48
N THR D 110 -3.77 -3.30 10.10
CA THR D 110 -4.49 -4.55 9.91
C THR D 110 -5.34 -4.84 11.13
N SER D 111 -6.63 -5.10 10.88
CA SER D 111 -7.59 -5.54 11.86
C SER D 111 -7.64 -7.06 11.87
N GLY D 112 -7.79 -7.65 13.06
CA GLY D 112 -8.19 -9.05 13.16
C GLY D 112 -9.58 -9.25 12.54
N THR D 113 -9.72 -10.20 11.62
CA THR D 113 -11.00 -10.42 10.97
C THR D 113 -11.26 -11.92 10.82
N THR D 114 -12.52 -12.25 10.48
CA THR D 114 -12.85 -13.57 9.96
C THR D 114 -12.21 -13.72 8.58
N GLU D 115 -12.17 -14.97 8.13
CA GLU D 115 -11.56 -15.35 6.87
C GLU D 115 -12.36 -14.71 5.73
N ALA D 116 -13.69 -14.66 5.92
CA ALA D 116 -14.60 -14.05 4.96
C ALA D 116 -14.35 -12.55 4.78
N ASN D 117 -13.89 -11.85 5.82
CA ASN D 117 -13.70 -10.41 5.74
C ASN D 117 -12.21 -10.04 5.59
N ALA D 118 -11.35 -11.03 5.38
CA ALA D 118 -9.92 -10.80 5.25
C ALA D 118 -9.60 -9.77 4.17
N TRP D 119 -10.34 -9.78 3.06
CA TRP D 119 -10.03 -8.93 1.91
C TRP D 119 -10.05 -7.44 2.30
N LYS D 120 -10.84 -7.08 3.31
CA LYS D 120 -10.90 -5.71 3.74
C LYS D 120 -10.30 -5.52 5.14
N SER D 121 -9.27 -6.29 5.47
CA SER D 121 -8.69 -6.22 6.80
C SER D 121 -7.70 -5.06 6.95
N THR D 122 -7.25 -4.43 5.86
CA THR D 122 -6.06 -3.59 5.96
C THR D 122 -6.27 -2.19 5.37
N LEU D 123 -6.06 -1.16 6.22
CA LEU D 123 -6.03 0.22 5.75
C LEU D 123 -4.60 0.66 5.43
N VAL D 124 -4.48 1.58 4.46
CA VAL D 124 -3.21 2.17 4.11
C VAL D 124 -3.34 3.69 4.16
N GLY D 125 -2.29 4.34 4.69
CA GLY D 125 -2.17 5.79 4.69
C GLY D 125 -0.74 6.27 4.73
N HIS D 126 -0.61 7.59 4.94
CA HIS D 126 0.66 8.26 5.06
C HIS D 126 0.58 9.29 6.20
N ASP D 127 1.58 9.30 7.08
CA ASP D 127 1.70 10.33 8.11
C ASP D 127 3.05 11.01 7.99
N THR D 128 3.05 12.34 8.20
CA THR D 128 4.26 13.15 8.35
C THR D 128 4.35 13.70 9.77
N PHE D 129 5.50 13.44 10.39
CA PHE D 129 5.80 13.81 11.76
C PHE D 129 6.82 14.92 11.76
N THR D 130 6.54 15.94 12.58
CA THR D 130 7.46 17.04 12.80
C THR D 130 7.67 17.19 14.29
N LYS D 131 8.72 17.95 14.64
CA LYS D 131 9.03 18.24 16.04
C LYS D 131 8.11 19.28 16.69
N VAL D 132 7.25 19.97 15.93
CA VAL D 132 6.37 20.97 16.55
C VAL D 132 4.92 20.69 16.14
N LYS D 133 3.97 20.93 17.06
CA LYS D 133 2.55 20.63 16.85
C LYS D 133 2.33 19.49 16.38
C13 VJL E . 16.78 -2.40 -0.73
C15 VJL E . 17.98 -1.77 -2.72
C20 VJL E . 21.80 -4.86 -5.05
C21 VJL E . 19.98 -5.16 -6.82
C24 VJL E . 20.67 -0.55 -8.65
C11 VJL E . 16.52 -4.83 -0.15
C12 VJL E . 16.99 -3.73 -1.03
C14 VJL E . 17.27 -1.39 -1.56
C18 VJL E . 19.49 -4.46 -4.55
C23 VJL E . 21.27 -0.78 -7.24
C25 VJL E . 22.73 -0.35 -7.40
O3 VJL E . 18.92 -5.50 -4.36
O6 VJL E . 18.02 1.02 -2.79
N7 VJL E . 18.58 -0.97 -3.68
N4 VJL E . 18.94 -3.29 -4.18
N6 VJL E . 20.55 -0.14 -4.94
N5 VJL E . 20.62 -2.84 -5.95
O4 VJL E . 21.78 -3.02 -7.88
O5 VJL E . 19.80 1.02 -6.73
C16 VJL E . 18.21 -3.14 -3.01
C27 VJL E . 20.22 0.78 -3.81
C30 VJL E . 18.78 0.37 -3.46
C19 VJL E . 20.52 -4.29 -5.67
C17 VJL E . 17.70 -4.10 -2.15
C22 VJL E . 21.30 -2.32 -6.99
C29 VJL E . 21.08 0.44 -2.57
C26 VJL E . 20.63 0.23 -6.24
C28 VJL E . 20.27 2.28 -4.06
N3 VJL E . 16.39 -4.51 1.19
C10 VJL E . 16.85 -5.76 1.94
C9 VJL E . 16.04 -7.05 1.87
C8 VJL E . 14.53 -6.87 1.94
C6 VJL E . 13.80 -8.15 1.61
C5 VJL E . 12.29 -8.11 1.37
C2 VJL E . 11.56 -9.38 0.84
N1 VJL E . 12.04 -10.53 1.58
C1 VJL E . 11.01 -11.08 2.30
O1 VJL E . 11.10 -12.06 3.04
N2 VJL E . 9.89 -10.40 2.13
C3 VJL E . 10.07 -9.27 1.22
C4 VJL E . 9.84 -8.01 2.08
S1 VJL E . 11.40 -7.72 2.89
O2 VJL E . 17.14 -5.83 -0.27
CO1 VJL E . 20.03 -1.86 -4.45
C13 VJL F . -16.97 0.18 -0.09
C15 VJL F . -17.98 0.40 2.08
C20 VJL F . -19.50 -3.69 5.87
C21 VJL F . -17.30 -2.38 5.64
C24 VJL F . -19.87 1.15 8.47
C11 VJL F . -17.09 -2.09 -1.21
C12 VJL F . -17.32 -1.16 -0.11
C14 VJL F . -17.29 0.98 1.00
C18 VJL F . -18.77 -2.57 3.78
C23 VJL F . -20.49 0.52 7.20
C25 VJL F . -21.88 -0.01 7.60
O3 VJL F . -18.42 -3.55 3.19
O6 VJL F . -17.59 3.08 3.14
N7 VJL F . -18.43 0.97 3.24
N4 VJL F . -19.01 -1.39 3.15
N6 VJL F . -20.01 1.59 4.99
N5 VJL F . -19.54 -1.19 5.66
O4 VJL F . -19.31 -1.46 7.90
O5 VJL F . -21.72 2.33 6.19
C16 VJL F . -18.34 -0.97 2.03
C27 VJL F . -19.80 2.74 4.07
C30 VJL F . -18.50 2.33 3.38
C19 VJL F . -18.79 -2.44 5.32
C17 VJL F . -18.01 -1.73 0.93
C22 VJL F . -19.64 -0.76 6.93
C29 VJL F . -20.89 2.81 2.98
C26 VJL F . -20.67 1.68 6.15
C28 VJL F . -19.57 4.12 4.69
N3 VJL F . -17.14 -1.47 -2.48
C10 VJL F . -17.46 -2.40 -3.59
C9 VJL F . -16.86 -3.78 -3.50
C8 VJL F . -15.34 -3.72 -3.47
C6 VJL F . -14.84 -5.12 -3.70
C5 VJL F . -13.38 -5.31 -3.47
C2 VJL F . -12.87 -6.75 -3.33
N1 VJL F . -13.48 -7.56 -4.37
C1 VJL F . -12.53 -8.01 -5.22
O1 VJL F . -12.74 -8.73 -6.18
N2 VJL F . -11.30 -7.58 -4.89
C3 VJL F . -11.36 -6.73 -3.71
C4 VJL F . -10.95 -5.34 -4.22
S1 VJL F . -12.45 -4.64 -4.84
O2 VJL F . -17.81 -3.04 -1.16
CO1 VJL F . -19.70 -0.05 4.17
S SO4 G . -26.14 -7.75 -0.30
O1 SO4 G . -27.43 -7.83 -0.94
O2 SO4 G . -25.67 -6.39 -0.33
O3 SO4 G . -26.25 -8.17 1.07
O4 SO4 G . -25.21 -8.60 -1.00
S SO4 H . -36.80 -11.20 -7.61
O1 SO4 H . -38.14 -11.67 -7.91
O2 SO4 H . -36.38 -10.24 -8.60
O3 SO4 H . -36.81 -10.57 -6.32
O4 SO4 H . -35.87 -12.30 -7.60
C13 VJL I . 10.04 2.50 -13.41
C15 VJL I . 12.30 1.78 -13.74
C20 VJL I . 17.13 4.47 -14.72
C21 VJL I . 16.21 5.42 -12.57
C24 VJL I . 16.04 1.52 -10.08
C11 VJL I . 9.50 4.95 -13.65
C12 VJL I . 10.45 3.81 -13.65
C14 VJL I . 10.96 1.46 -13.44
C18 VJL I . 14.75 4.36 -14.23
C23 VJL I . 16.96 1.27 -11.29
C25 VJL I . 18.33 0.94 -10.64
O3 VJL I . 14.26 5.41 -14.54
O6 VJL I . 12.20 -0.99 -13.63
N7 VJL I . 13.38 0.92 -13.85
N4 VJL I . 14.08 3.20 -14.27
N6 VJL I . 15.47 0.12 -12.96
N5 VJL I . 16.16 2.92 -12.98
O4 VJL I . 18.23 3.07 -12.17
O5 VJL I . 17.12 -1.03 -11.88
C16 VJL I . 12.72 3.10 -13.99
C27 VJL I . 14.56 -1.01 -13.28
C30 VJL I . 13.26 -0.42 -13.79
C19 VJL I . 16.12 4.27 -13.58
C17 VJL I . 11.78 4.10 -13.94
C22 VJL I . 17.10 2.61 -12.06
C29 VJL I . 15.10 -1.88 -14.43
C26 VJL I . 16.43 0.01 -12.00
C28 VJL I . 14.09 -1.84 -12.07
N3 VJL I . 8.26 4.62 -14.22
C10 VJL I . 7.77 5.86 -14.97
C9 VJL I . 7.39 7.14 -14.24
C8 VJL I . 6.31 6.98 -13.14
C6 VJL I . 6.26 8.27 -12.34
C5 VJL I . 5.62 8.20 -10.95
C2 VJL I . 5.63 9.47 -10.04
N1 VJL I . 5.28 10.67 -10.83
C1 VJL I . 4.11 11.19 -10.39
O1 VJL I . 3.54 12.18 -10.87
N2 VJL I . 3.59 10.48 -9.38
C3 VJL I . 4.44 9.32 -9.04
C4 VJL I . 3.69 8.03 -9.35
S1 VJL I . 3.86 7.79 -11.09
O2 VJL I . 9.96 5.97 -14.08
CO1 VJL I . 15.06 1.70 -13.91
C13 VJL J . -10.70 3.03 13.70
C15 VJL J . -12.88 2.12 13.74
C20 VJL J . -14.69 -2.94 16.16
C21 VJL J . -15.20 -0.77 17.39
C24 VJL J . -19.11 -1.39 13.78
C11 VJL J . -8.84 2.03 14.92
C12 VJL J . -10.22 1.98 14.46
C14 VJL J . -12.01 3.12 13.31
C18 VJL J . -13.42 -0.87 15.73
C23 VJL J . -17.69 -0.85 13.55
C25 VJL J . -17.31 -1.31 12.12
O3 VJL J . -12.44 -1.55 15.92
O6 VJL J . -14.31 2.99 11.45
N7 VJL J . -14.21 2.03 13.49
N4 VJL J . -13.47 0.19 14.86
N6 VJL J . -16.56 1.35 13.49
N5 VJL J . -15.74 -0.88 15.00
O4 VJL J . -16.67 -2.83 14.41
O5 VJL J . -18.70 1.26 14.11
C16 VJL J . -12.43 1.08 14.56
C27 VJL J . -16.37 2.57 12.66
C30 VJL J . -14.85 2.71 12.52
C19 VJL J . -14.83 -1.41 16.03
C17 VJL J . -11.09 1.00 14.93
C22 VJL J . -16.76 -1.61 14.55
C29 VJL J . -16.98 2.44 11.27
C26 VJL J . -17.74 0.72 13.54
C28 VJL J . -16.78 3.87 13.36
N3 VJL J . -7.76 1.19 14.95
C10 VJL J . -6.99 2.00 16.09
C9 VJL J . -6.46 3.44 15.93
C8 VJL J . -5.51 3.60 14.73
C6 VJL J . -5.20 5.02 14.36
C5 VJL J . -4.55 5.25 13.01
C2 VJL J . -4.31 6.70 12.55
N1 VJL J . -3.81 7.52 13.63
C1 VJL J . -2.58 7.98 13.32
O1 VJL J . -1.88 8.71 14.04
N2 VJL J . -2.17 7.55 12.11
C3 VJL J . -3.15 6.68 11.48
C4 VJL J . -2.53 5.28 11.43
S1 VJL J . -2.88 4.56 13.03
O2 VJL J . -8.80 2.69 15.89
CO1 VJL J . -14.98 0.44 13.86
S SO4 K . -5.07 -4.67 19.24
O1 SO4 K . -5.98 -3.58 19.05
O2 SO4 K . -3.74 -4.23 19.00
O3 SO4 K . -5.39 -5.71 18.33
O4 SO4 K . -5.15 -5.16 20.56
#